data_1U0K
#
_entry.id   1U0K
#
_cell.length_a   39.778
_cell.length_b   69.477
_cell.length_c   94.950
_cell.angle_alpha   90.00
_cell.angle_beta   101.10
_cell.angle_gamma   90.00
#
_symmetry.space_group_name_H-M   'P 1 21 1'
#
loop_
_entity.id
_entity.type
_entity.pdbx_description
1 polymer 'gene product PA4716'
2 water water
#
_entity_poly.entity_id   1
_entity_poly.type   'polypeptide(L)'
_entity_poly.pdbx_seq_one_letter_code
;GH(MSE)SRRYWQLDVFAERPLTGNGLAVFDDASALDDAA(MSE)QAWTRELRQFESIFLLPGDDPRAFRARIFTLEEEL
PFAGHPLLGAAALLHHLRGGDNEQHWTLHLASKSVALRSVRAGSGFYAE(MSE)DQGRAEFGATPDAGTCRWFAEAFSLS
ANDLSGHPPRVVSTGLPYLLLPVTAEALGRARQVNDLQEALDKLGAAFVYLLDVDGREGRTWDNLGLVEDVATGSAAGPV
AAYLVEYGLAARGEPFVLHQGRFLERPSRLDVQVATDGSVRVGGHVQLLARAELLTSAGS
;
_entity_poly.pdbx_strand_id   A,B
#
# COMPACT_ATOMS: atom_id res chain seq x y z
N SER A 4 18.40 -17.89 -9.02
CA SER A 4 18.20 -16.57 -8.45
C SER A 4 17.01 -15.91 -9.13
N ARG A 5 16.09 -15.41 -8.33
CA ARG A 5 14.97 -14.62 -8.82
C ARG A 5 14.97 -13.31 -8.06
N ARG A 6 14.58 -12.25 -8.74
CA ARG A 6 14.69 -10.92 -8.19
C ARG A 6 13.45 -10.11 -8.52
N TYR A 7 13.19 -9.13 -7.69
CA TYR A 7 12.38 -8.00 -8.08
C TYR A 7 13.15 -6.71 -7.82
N TRP A 8 12.65 -5.63 -8.38
CA TRP A 8 13.32 -4.33 -8.32
C TRP A 8 12.32 -3.26 -7.95
N GLN A 9 12.73 -2.33 -7.10
CA GLN A 9 11.94 -1.17 -6.73
C GLN A 9 12.43 0.01 -7.54
N LEU A 10 11.52 0.61 -8.30
CA LEU A 10 11.80 1.75 -9.17
C LEU A 10 10.84 2.88 -8.86
N ASP A 11 11.22 4.09 -9.23
CA ASP A 11 10.29 5.21 -9.30
C ASP A 11 10.14 5.69 -10.73
N VAL A 12 8.89 5.87 -11.15
CA VAL A 12 8.58 6.31 -12.50
C VAL A 12 7.99 7.73 -12.45
N PHE A 13 8.32 8.53 -13.46
CA PHE A 13 8.06 9.98 -13.47
C PHE A 13 8.81 10.66 -12.32
N ALA A 14 10.10 10.34 -12.23
CA ALA A 14 10.95 10.68 -11.10
C ALA A 14 12.34 11.06 -11.60
N GLU A 15 12.73 12.30 -11.38
CA GLU A 15 14.08 12.74 -11.74
C GLU A 15 15.07 12.51 -10.61
N ARG A 16 14.56 12.26 -9.41
CA ARG A 16 15.39 11.83 -8.27
C ARG A 16 14.73 10.65 -7.55
N PRO A 17 15.50 9.84 -6.85
CA PRO A 17 14.93 8.74 -6.08
C PRO A 17 13.98 9.22 -4.98
N LEU A 18 13.06 8.36 -4.59
CA LEU A 18 12.05 8.66 -3.56
C LEU A 18 11.11 9.80 -3.94
N THR A 19 10.86 9.93 -5.24
CA THR A 19 9.83 10.80 -5.78
C THR A 19 9.05 10.04 -6.84
N GLY A 20 8.02 10.66 -7.40
CA GLY A 20 7.26 10.03 -8.46
C GLY A 20 6.49 8.81 -7.98
N ASN A 21 6.22 7.89 -8.90
CA ASN A 21 5.38 6.74 -8.61
C ASN A 21 6.19 5.46 -8.42
N GLY A 22 6.13 4.87 -7.24
CA GLY A 22 6.84 3.63 -6.96
C GLY A 22 6.25 2.46 -7.70
N LEU A 23 7.13 1.55 -8.10
CA LEU A 23 6.78 0.38 -8.91
C LEU A 23 7.69 -0.77 -8.57
N ALA A 24 7.14 -1.98 -8.45
CA ALA A 24 7.95 -3.20 -8.40
C ALA A 24 7.95 -3.90 -9.75
N VAL A 25 9.13 -4.33 -10.18
CA VAL A 25 9.30 -5.04 -11.44
C VAL A 25 9.97 -6.38 -11.19
N PHE A 26 9.35 -7.46 -11.67
CA PHE A 26 9.92 -8.80 -11.60
C PHE A 26 10.44 -9.07 -13.02
N ASP A 27 11.75 -9.13 -13.19
CA ASP A 27 12.30 -9.22 -14.54
C ASP A 27 12.22 -10.60 -15.18
N ASP A 28 11.99 -11.63 -14.37
CA ASP A 28 11.73 -12.95 -14.93
C ASP A 28 10.78 -13.71 -14.01
N ALA A 29 9.50 -13.60 -14.34
CA ALA A 29 8.43 -14.17 -13.54
C ALA A 29 7.96 -15.51 -14.09
N SER A 30 8.81 -16.18 -14.86
CA SER A 30 8.48 -17.45 -15.51
C SER A 30 8.04 -18.55 -14.54
N ALA A 31 8.49 -18.49 -13.29
CA ALA A 31 8.16 -19.50 -12.30
C ALA A 31 6.84 -19.25 -11.56
N LEU A 32 6.22 -18.08 -11.77
CA LEU A 32 5.02 -17.70 -11.01
C LEU A 32 3.73 -17.96 -11.77
N ASP A 33 2.74 -18.51 -11.08
CA ASP A 33 1.39 -18.55 -11.63
C ASP A 33 0.64 -17.27 -11.32
N ASP A 34 -0.57 -17.13 -11.85
CA ASP A 34 -1.35 -15.89 -11.70
C ASP A 34 -1.64 -15.54 -10.25
N ALA A 35 -1.97 -16.56 -9.46
CA ALA A 35 -2.24 -16.35 -8.04
C ALA A 35 -1.00 -15.81 -7.35
N ALA A 36 0.17 -16.33 -7.71
CA ALA A 36 1.42 -15.87 -7.10
C ALA A 36 1.75 -14.43 -7.49
N GLN A 38 -0.49 -12.07 -8.24
CA GLN A 38 -1.39 -11.24 -7.46
C GLN A 38 -0.95 -11.16 -6.00
N ALA A 39 -0.48 -12.27 -5.46
CA ALA A 39 -0.06 -12.32 -4.06
C ALA A 39 1.20 -11.49 -3.84
N TRP A 40 2.15 -11.54 -4.78
CA TRP A 40 3.38 -10.73 -4.70
C TRP A 40 3.06 -9.25 -4.84
N THR A 41 2.07 -8.92 -5.66
CA THR A 41 1.66 -7.52 -5.81
C THR A 41 1.15 -7.00 -4.45
N ARG A 42 0.36 -7.80 -3.76
CA ARG A 42 -0.17 -7.45 -2.44
C ARG A 42 0.95 -7.41 -1.40
N GLU A 43 1.96 -8.26 -1.57
CA GLU A 43 3.11 -8.26 -0.68
C GLU A 43 3.87 -6.93 -0.75
N LEU A 44 4.15 -6.46 -1.95
CA LEU A 44 5.03 -5.30 -2.12
C LEU A 44 4.30 -3.97 -1.98
N ARG A 45 2.98 -3.97 -2.12
CA ARG A 45 2.10 -2.81 -1.84
C ARG A 45 2.37 -1.56 -2.68
N GLN A 46 3.11 -1.72 -3.78
CA GLN A 46 3.19 -0.67 -4.77
C GLN A 46 1.86 -0.62 -5.51
N PHE A 47 1.47 0.55 -5.97
CA PHE A 47 0.14 0.73 -6.59
C PHE A 47 -0.01 -0.29 -7.74
N GLU A 48 1.05 -0.49 -8.49
CA GLU A 48 1.14 -1.59 -9.46
C GLU A 48 2.48 -2.32 -9.34
N SER A 49 2.44 -3.63 -9.61
CA SER A 49 3.63 -4.42 -9.91
C SER A 49 3.52 -4.95 -11.34
N ILE A 50 4.66 -5.10 -11.99
CA ILE A 50 4.71 -5.67 -13.34
C ILE A 50 5.64 -6.87 -13.36
N PHE A 51 5.22 -7.89 -14.09
CA PHE A 51 5.88 -9.19 -14.15
C PHE A 51 6.26 -9.44 -15.61
N LEU A 52 7.54 -9.66 -15.86
CA LEU A 52 8.06 -9.87 -17.22
C LEU A 52 8.34 -11.34 -17.48
N LEU A 53 8.02 -11.77 -18.69
CA LEU A 53 8.21 -13.16 -19.12
C LEU A 53 9.11 -13.12 -20.36
N PRO A 54 10.37 -13.49 -20.20
CA PRO A 54 11.31 -13.51 -21.34
C PRO A 54 10.94 -14.60 -22.34
N GLY A 55 11.41 -14.40 -23.57
CA GLY A 55 11.27 -15.38 -24.62
C GLY A 55 12.51 -15.38 -25.48
N ASP A 56 12.35 -15.73 -26.75
CA ASP A 56 13.49 -15.92 -27.64
C ASP A 56 14.04 -14.64 -28.27
N ASP A 57 13.38 -13.52 -28.04
CA ASP A 57 13.79 -12.22 -28.56
C ASP A 57 14.26 -11.38 -27.36
N PRO A 58 15.54 -11.02 -27.31
CA PRO A 58 16.08 -10.29 -26.14
C PRO A 58 15.52 -8.87 -25.97
N ARG A 59 14.83 -8.33 -26.96
CA ARG A 59 14.22 -7.00 -26.87
C ARG A 59 12.70 -7.05 -26.73
N ALA A 60 12.13 -8.25 -26.57
CA ALA A 60 10.69 -8.40 -26.43
C ALA A 60 10.31 -9.30 -25.25
N PHE A 61 9.33 -8.85 -24.47
CA PHE A 61 8.87 -9.55 -23.28
C PHE A 61 7.37 -9.51 -23.22
N ARG A 62 6.76 -10.57 -22.73
CA ARG A 62 5.37 -10.47 -22.31
C ARG A 62 5.35 -9.84 -20.93
N ALA A 63 4.28 -9.12 -20.65
CA ALA A 63 4.13 -8.44 -19.37
C ALA A 63 2.75 -8.70 -18.77
N ARG A 64 2.71 -8.70 -17.45
CA ARG A 64 1.47 -8.81 -16.71
C ARG A 64 1.53 -7.72 -15.65
N ILE A 65 0.48 -6.89 -15.58
CA ILE A 65 0.40 -5.78 -14.65
C ILE A 65 -0.75 -6.00 -13.69
N PHE A 66 -0.47 -5.85 -12.40
CA PHE A 66 -1.48 -5.99 -11.36
C PHE A 66 -1.51 -4.79 -10.45
N THR A 67 -2.72 -4.41 -10.05
CA THR A 67 -2.91 -3.58 -8.86
C THR A 67 -3.16 -4.51 -7.67
N LEU A 68 -3.36 -3.94 -6.49
CA LEU A 68 -3.68 -4.76 -5.34
C LEU A 68 -5.08 -5.37 -5.48
N GLU A 69 -5.89 -4.82 -6.39
CA GLU A 69 -7.26 -5.32 -6.59
C GLU A 69 -7.35 -6.41 -7.64
N GLU A 70 -6.64 -6.25 -8.76
CA GLU A 70 -6.90 -7.07 -9.95
C GLU A 70 -5.78 -6.92 -10.98
N GLU A 71 -5.81 -7.78 -11.99
CA GLU A 71 -4.97 -7.60 -13.16
C GLU A 71 -5.51 -6.48 -14.06
N LEU A 72 -4.61 -5.67 -14.60
CA LEU A 72 -4.92 -4.61 -15.57
C LEU A 72 -4.00 -4.78 -16.78
N PRO A 73 -4.38 -5.61 -17.73
CA PRO A 73 -3.57 -5.85 -18.93
C PRO A 73 -3.58 -4.72 -20.00
N PHE A 74 -3.39 -3.47 -19.58
CA PHE A 74 -3.42 -2.34 -20.50
C PHE A 74 -2.21 -1.42 -20.38
N ALA A 75 -1.87 -0.76 -21.50
CA ALA A 75 -0.72 0.13 -21.56
C ALA A 75 -0.73 1.11 -20.38
N GLY A 76 0.39 1.18 -19.65
CA GLY A 76 0.53 2.07 -18.49
C GLY A 76 1.99 2.34 -18.13
N HIS A 77 2.24 3.19 -17.14
CA HIS A 77 3.61 3.53 -16.68
C HIS A 77 4.47 2.38 -16.06
N PRO A 78 3.89 1.26 -15.60
CA PRO A 78 4.74 0.09 -15.32
C PRO A 78 5.58 -0.31 -16.52
N LEU A 79 5.11 -0.05 -17.74
CA LEU A 79 5.88 -0.36 -18.93
C LEU A 79 7.14 0.52 -19.06
N LEU A 80 7.03 1.80 -18.68
CA LEU A 80 8.18 2.69 -18.65
C LEU A 80 9.25 2.19 -17.69
N GLY A 81 8.82 1.76 -16.51
CA GLY A 81 9.73 1.22 -15.51
C GLY A 81 10.41 -0.06 -16.00
N ALA A 82 9.63 -0.95 -16.60
CA ALA A 82 10.19 -2.16 -17.19
C ALA A 82 11.26 -1.83 -18.25
N ALA A 83 10.99 -0.87 -19.12
CA ALA A 83 11.94 -0.47 -20.16
C ALA A 83 13.27 0.00 -19.54
N ALA A 84 13.18 0.80 -18.51
CA ALA A 84 14.36 1.32 -17.83
C ALA A 84 15.18 0.20 -17.21
N LEU A 85 14.49 -0.75 -16.57
CA LEU A 85 15.16 -1.87 -15.94
C LEU A 85 15.83 -2.75 -17.00
N LEU A 86 15.14 -3.02 -18.12
CA LEU A 86 15.73 -3.83 -19.18
C LEU A 86 17.00 -3.17 -19.74
N HIS A 87 17.01 -1.85 -19.83
CA HIS A 87 18.19 -1.08 -20.27
C HIS A 87 19.31 -1.25 -19.26
N HIS A 88 18.98 -1.14 -17.98
CA HIS A 88 19.97 -1.36 -16.91
C HIS A 88 20.62 -2.76 -16.99
N LEU A 89 19.79 -3.79 -17.20
CA LEU A 89 20.27 -5.16 -17.27
C LEU A 89 21.09 -5.44 -18.53
N ARG A 90 20.70 -4.88 -19.67
CA ARG A 90 21.39 -5.15 -20.93
C ARG A 90 22.71 -4.38 -21.01
N GLY A 91 22.72 -3.16 -20.49
CA GLY A 91 23.82 -2.24 -20.69
C GLY A 91 23.69 -1.55 -22.04
N GLY A 92 24.70 -0.75 -22.38
CA GLY A 92 24.71 0.03 -23.61
C GLY A 92 24.47 1.49 -23.32
N ASP A 93 25.27 2.36 -23.94
CA ASP A 93 25.14 3.81 -23.73
C ASP A 93 24.14 4.43 -24.67
N ASN A 94 23.77 3.69 -25.71
CA ASN A 94 22.89 4.19 -26.76
C ASN A 94 21.43 3.96 -26.44
N GLU A 95 20.56 4.67 -27.16
CA GLU A 95 19.12 4.45 -27.09
C GLU A 95 18.81 2.98 -27.34
N GLN A 96 17.89 2.44 -26.54
CA GLN A 96 17.47 1.05 -26.66
C GLN A 96 15.98 1.03 -27.00
N HIS A 97 15.58 0.03 -27.78
CA HIS A 97 14.19 -0.18 -28.14
C HIS A 97 13.69 -1.53 -27.63
N TRP A 98 12.43 -1.55 -27.21
CA TRP A 98 11.82 -2.70 -26.55
C TRP A 98 10.40 -2.88 -27.06
N THR A 99 9.90 -4.11 -27.01
CA THR A 99 8.50 -4.38 -27.26
C THR A 99 7.95 -5.15 -26.09
N LEU A 100 6.90 -4.64 -25.47
CA LEU A 100 6.24 -5.34 -24.38
C LEU A 100 4.85 -5.79 -24.81
N HIS A 101 4.56 -7.07 -24.62
CA HIS A 101 3.30 -7.66 -25.06
C HIS A 101 2.37 -7.84 -23.89
N LEU A 102 1.26 -7.12 -23.92
CA LEU A 102 0.14 -7.36 -23.02
C LEU A 102 -0.86 -8.22 -23.78
N ALA A 103 -1.78 -8.87 -23.09
CA ALA A 103 -2.75 -9.75 -23.75
C ALA A 103 -3.42 -9.06 -24.92
N SER A 104 -3.87 -7.83 -24.68
CA SER A 104 -4.68 -7.04 -25.63
C SER A 104 -3.89 -6.42 -26.77
N LYS A 105 -2.65 -5.99 -26.49
CA LYS A 105 -1.82 -5.38 -27.52
C LYS A 105 -0.31 -5.40 -27.24
N SER A 106 0.44 -5.02 -28.26
CA SER A 106 1.88 -4.85 -28.22
C SER A 106 2.21 -3.36 -28.04
N VAL A 107 3.24 -3.04 -27.25
CA VAL A 107 3.64 -1.66 -27.02
C VAL A 107 5.12 -1.47 -27.30
N ALA A 108 5.45 -0.53 -28.18
CA ALA A 108 6.82 -0.17 -28.48
C ALA A 108 7.32 0.88 -27.50
N LEU A 109 8.51 0.65 -26.96
CA LEU A 109 9.15 1.59 -26.03
C LEU A 109 10.57 1.88 -26.44
N ARG A 110 11.07 3.02 -25.99
CA ARG A 110 12.47 3.37 -26.12
C ARG A 110 12.98 3.88 -24.76
N SER A 111 14.25 3.65 -24.51
CA SER A 111 14.88 4.17 -23.31
C SER A 111 16.25 4.72 -23.59
N VAL A 112 16.62 5.75 -22.84
CA VAL A 112 17.95 6.33 -22.86
C VAL A 112 18.43 6.53 -21.43
N ARG A 113 19.75 6.55 -21.26
CA ARG A 113 20.33 6.92 -19.98
C ARG A 113 20.12 8.41 -19.76
N ALA A 114 19.88 8.78 -18.52
CA ALA A 114 19.65 10.18 -18.15
C ALA A 114 20.08 10.37 -16.70
N GLY A 115 21.24 10.98 -16.52
CA GLY A 115 21.77 11.27 -15.20
C GLY A 115 21.97 10.00 -14.39
N SER A 116 21.34 9.96 -13.21
CA SER A 116 21.43 8.82 -12.31
C SER A 116 20.54 7.64 -12.74
N GLY A 117 19.63 7.89 -13.68
CA GLY A 117 18.71 6.86 -14.12
C GLY A 117 18.49 6.83 -15.61
N PHE A 118 17.23 6.85 -16.00
CA PHE A 118 16.80 6.65 -17.38
C PHE A 118 15.66 7.58 -17.74
N TYR A 119 15.47 7.77 -19.03
CA TYR A 119 14.26 8.34 -19.58
C TYR A 119 13.65 7.29 -20.48
N ALA A 120 12.37 7.00 -20.28
CA ALA A 120 11.68 6.00 -21.07
C ALA A 120 10.40 6.59 -21.67
N GLU A 121 10.06 6.11 -22.86
CA GLU A 121 8.88 6.55 -23.57
C GLU A 121 8.18 5.39 -24.25
N ASP A 123 4.77 4.27 -27.01
CA ASP A 123 3.74 4.60 -28.00
C ASP A 123 2.47 3.86 -27.65
N GLN A 124 1.47 4.60 -27.18
CA GLN A 124 0.19 4.03 -26.77
C GLN A 124 -0.81 3.86 -27.92
N GLY A 125 -0.43 4.29 -29.12
CA GLY A 125 -1.31 4.23 -30.26
C GLY A 125 -2.33 5.35 -30.20
N ARG A 126 -3.33 5.31 -31.06
CA ARG A 126 -4.34 6.37 -31.05
C ARG A 126 -5.40 6.07 -30.02
N ALA A 127 -5.87 7.12 -29.38
CA ALA A 127 -6.89 7.01 -28.36
C ALA A 127 -8.23 6.75 -29.01
N GLU A 128 -9.04 5.93 -28.36
CA GLU A 128 -10.40 5.65 -28.78
C GLU A 128 -11.37 6.47 -27.92
N PHE A 129 -12.18 7.29 -28.57
CA PHE A 129 -13.16 8.13 -27.90
C PHE A 129 -14.50 7.42 -27.87
N GLY A 130 -15.03 7.22 -26.67
CA GLY A 130 -16.20 6.40 -26.46
C GLY A 130 -17.41 7.21 -26.04
N ALA A 131 -18.11 6.72 -25.03
CA ALA A 131 -19.39 7.29 -24.62
C ALA A 131 -19.25 8.73 -24.17
N THR A 132 -20.34 9.46 -24.35
CA THR A 132 -20.51 10.80 -23.83
C THR A 132 -21.69 10.74 -22.85
N PRO A 133 -21.46 10.94 -21.55
CA PRO A 133 -22.57 10.94 -20.60
C PRO A 133 -23.54 12.08 -20.87
N ASP A 134 -24.82 11.83 -20.67
CA ASP A 134 -25.84 12.88 -20.78
C ASP A 134 -25.72 13.87 -19.63
N ALA A 135 -26.51 14.93 -19.66
CA ALA A 135 -26.35 16.03 -18.72
C ALA A 135 -26.60 15.61 -17.27
N GLY A 136 -27.61 14.78 -17.06
CA GLY A 136 -27.92 14.29 -15.72
C GLY A 136 -26.81 13.43 -15.15
N THR A 137 -26.22 12.60 -16.01
CA THR A 137 -25.15 11.71 -15.60
C THR A 137 -23.88 12.48 -15.23
N CYS A 138 -23.56 13.52 -15.99
CA CYS A 138 -22.40 14.36 -15.69
C CYS A 138 -22.52 14.94 -14.28
N ARG A 139 -23.71 15.42 -13.95
CA ARG A 139 -24.00 15.98 -12.63
C ARG A 139 -23.85 14.94 -11.53
N TRP A 140 -24.31 13.72 -11.77
CA TRP A 140 -24.20 12.64 -10.80
C TRP A 140 -22.74 12.35 -10.46
N PHE A 141 -21.88 12.28 -11.46
CA PHE A 141 -20.47 11.98 -11.21
C PHE A 141 -19.77 13.09 -10.41
N ALA A 142 -20.14 14.33 -10.67
CA ALA A 142 -19.59 15.45 -9.90
C ALA A 142 -19.88 15.25 -8.42
N GLU A 143 -21.13 14.93 -8.11
CA GLU A 143 -21.55 14.74 -6.71
C GLU A 143 -21.02 13.48 -6.04
N ALA A 144 -20.67 12.48 -6.84
CA ALA A 144 -20.01 11.28 -6.32
C ALA A 144 -18.60 11.61 -5.83
N PHE A 145 -18.06 12.76 -6.26
CA PHE A 145 -16.78 13.26 -5.79
C PHE A 145 -16.93 14.55 -4.96
N SER A 146 -18.09 14.72 -4.31
CA SER A 146 -18.36 15.87 -3.43
C SER A 146 -18.30 17.23 -4.13
N LEU A 147 -18.69 17.25 -5.40
CA LEU A 147 -18.71 18.46 -6.23
C LEU A 147 -20.13 18.75 -6.67
N SER A 148 -20.36 19.91 -7.29
CA SER A 148 -21.65 20.25 -7.89
C SER A 148 -21.53 20.32 -9.41
N ALA A 149 -22.65 20.52 -10.09
CA ALA A 149 -22.68 20.58 -11.55
C ALA A 149 -21.95 21.82 -12.09
N ASN A 150 -21.90 22.88 -11.29
CA ASN A 150 -21.17 24.10 -11.66
C ASN A 150 -19.65 23.93 -11.60
N ASP A 151 -19.19 22.98 -10.77
CA ASP A 151 -17.77 22.64 -10.67
C ASP A 151 -17.21 21.97 -11.93
N LEU A 152 -18.10 21.49 -12.79
CA LEU A 152 -17.71 20.95 -14.08
C LEU A 152 -17.29 22.09 -15.01
N SER A 153 -16.37 21.80 -15.92
CA SER A 153 -15.91 22.76 -16.92
C SER A 153 -16.79 22.73 -18.14
N GLY A 154 -16.49 23.61 -19.10
CA GLY A 154 -17.27 23.71 -20.31
C GLY A 154 -16.94 22.73 -21.41
N HIS A 155 -16.24 21.65 -21.05
CA HIS A 155 -15.85 20.64 -22.04
C HIS A 155 -16.48 19.32 -21.66
N PRO A 156 -16.83 18.52 -22.66
CA PRO A 156 -17.67 17.36 -22.41
C PRO A 156 -16.91 16.27 -21.67
N PRO A 157 -17.44 15.78 -20.55
CA PRO A 157 -16.94 14.51 -20.02
C PRO A 157 -17.04 13.46 -21.10
N ARG A 158 -15.98 12.66 -21.25
CA ARG A 158 -15.98 11.59 -22.21
C ARG A 158 -15.12 10.44 -21.78
N VAL A 159 -15.49 9.25 -22.23
CA VAL A 159 -14.70 8.06 -22.00
C VAL A 159 -13.64 8.04 -23.08
N VAL A 160 -12.37 8.00 -22.68
CA VAL A 160 -11.25 7.98 -23.61
C VAL A 160 -10.29 6.88 -23.16
N SER A 161 -9.71 6.16 -24.13
CA SER A 161 -8.97 4.93 -23.83
C SER A 161 -7.80 4.71 -24.79
N THR A 162 -6.66 4.30 -24.24
CA THR A 162 -5.59 3.70 -25.02
C THR A 162 -5.39 2.24 -24.58
N GLY A 163 -6.45 1.65 -24.01
CA GLY A 163 -6.42 0.31 -23.46
C GLY A 163 -7.40 0.18 -22.30
N LEU A 164 -7.14 0.98 -21.27
CA LEU A 164 -7.97 1.02 -20.08
C LEU A 164 -8.83 2.29 -20.14
N PRO A 165 -10.14 2.15 -20.33
CA PRO A 165 -11.02 3.32 -20.51
C PRO A 165 -11.27 4.12 -19.23
N TYR A 166 -10.98 5.42 -19.30
CA TYR A 166 -11.28 6.36 -18.23
C TYR A 166 -12.41 7.26 -18.65
N LEU A 167 -13.33 7.53 -17.73
CA LEU A 167 -14.23 8.67 -17.88
C LEU A 167 -13.43 9.88 -17.45
N LEU A 168 -13.08 10.74 -18.40
CA LEU A 168 -12.43 12.00 -18.10
C LEU A 168 -13.52 13.00 -17.72
N LEU A 169 -13.39 13.57 -16.53
CA LEU A 169 -14.39 14.47 -15.97
C LEU A 169 -13.76 15.84 -15.76
N PRO A 170 -13.89 16.75 -16.73
CA PRO A 170 -13.30 18.08 -16.61
C PRO A 170 -13.95 18.89 -15.48
N VAL A 171 -13.14 19.29 -14.52
CA VAL A 171 -13.56 20.10 -13.38
C VAL A 171 -12.63 21.31 -13.23
N THR A 172 -13.01 22.26 -12.38
CA THR A 172 -12.19 23.45 -12.15
C THR A 172 -11.03 23.13 -11.23
N ALA A 173 -9.96 23.92 -11.34
CA ALA A 173 -8.81 23.78 -10.45
C ALA A 173 -9.22 23.81 -8.98
N GLU A 174 -10.18 24.66 -8.64
CA GLU A 174 -10.66 24.80 -7.27
C GLU A 174 -11.37 23.53 -6.83
N ALA A 175 -12.23 23.00 -7.69
CA ALA A 175 -12.98 21.77 -7.42
C ALA A 175 -12.08 20.55 -7.24
N LEU A 176 -10.97 20.52 -7.97
CA LEU A 176 -10.06 19.37 -7.95
C LEU A 176 -9.42 19.15 -6.58
N GLY A 177 -9.12 20.25 -5.89
CA GLY A 177 -8.49 20.20 -4.59
C GLY A 177 -9.37 19.71 -3.44
N ARG A 178 -10.68 19.79 -3.60
CA ARG A 178 -11.60 19.34 -2.55
C ARG A 178 -12.41 18.10 -2.94
N ALA A 179 -11.96 17.38 -3.97
CA ALA A 179 -12.66 16.18 -4.44
C ALA A 179 -12.50 15.03 -3.44
N ARG A 180 -13.60 14.33 -3.17
CA ARG A 180 -13.62 13.16 -2.29
C ARG A 180 -14.70 12.18 -2.78
N GLN A 181 -14.30 10.97 -3.13
CA GLN A 181 -15.26 9.95 -3.56
C GLN A 181 -16.15 9.49 -2.40
N VAL A 182 -17.46 9.66 -2.55
CA VAL A 182 -18.44 9.27 -1.53
C VAL A 182 -19.49 8.25 -2.00
N ASN A 183 -19.52 7.94 -3.30
CA ASN A 183 -20.47 6.96 -3.82
C ASN A 183 -19.78 5.82 -4.57
N ASP A 184 -20.46 4.68 -4.64
CA ASP A 184 -20.02 3.57 -5.47
C ASP A 184 -20.21 3.96 -6.94
N LEU A 185 -19.17 3.75 -7.74
CA LEU A 185 -19.15 4.19 -9.14
C LEU A 185 -19.33 3.04 -10.12
N GLN A 186 -19.35 1.81 -9.64
CA GLN A 186 -19.22 0.66 -10.53
C GLN A 186 -20.29 0.58 -11.61
N GLU A 187 -21.56 0.62 -11.23
CA GLU A 187 -22.64 0.45 -12.20
C GLU A 187 -22.83 1.67 -13.10
N ALA A 188 -22.53 2.86 -12.58
CA ALA A 188 -22.56 4.09 -13.39
C ALA A 188 -21.48 4.05 -14.46
N LEU A 189 -20.28 3.60 -14.08
CA LEU A 189 -19.18 3.47 -15.02
C LEU A 189 -19.46 2.35 -16.03
N ASP A 190 -20.12 1.28 -15.58
CA ASP A 190 -20.50 0.16 -16.45
C ASP A 190 -21.36 0.61 -17.61
N LYS A 191 -22.33 1.48 -17.32
CA LYS A 191 -23.22 2.01 -18.35
C LYS A 191 -22.43 2.74 -19.45
N LEU A 192 -21.34 3.40 -19.06
CA LEU A 192 -20.53 4.19 -19.98
C LEU A 192 -19.35 3.45 -20.63
N GLY A 193 -19.17 2.18 -20.28
CA GLY A 193 -18.05 1.40 -20.79
C GLY A 193 -16.70 1.86 -20.26
N ALA A 194 -16.71 2.39 -19.03
CA ALA A 194 -15.52 2.95 -18.42
C ALA A 194 -15.12 2.16 -17.17
N ALA A 195 -13.83 2.09 -16.93
CA ALA A 195 -13.27 1.36 -15.78
C ALA A 195 -13.02 2.26 -14.58
N PHE A 196 -12.51 3.48 -14.82
CA PHE A 196 -12.17 4.43 -13.76
C PHE A 196 -12.50 5.86 -14.16
N VAL A 197 -12.64 6.71 -13.14
CA VAL A 197 -12.81 8.15 -13.34
C VAL A 197 -11.46 8.85 -13.14
N TYR A 198 -11.16 9.79 -14.04
CA TYR A 198 -9.99 10.65 -13.92
C TYR A 198 -10.47 12.11 -13.90
N LEU A 199 -10.32 12.77 -12.76
CA LEU A 199 -10.68 14.19 -12.63
C LEU A 199 -9.61 15.04 -13.30
N LEU A 200 -10.04 16.01 -14.10
CA LEU A 200 -9.12 16.74 -14.97
C LEU A 200 -9.37 18.24 -14.95
N ASP A 201 -8.37 18.99 -14.50
CA ASP A 201 -8.29 20.43 -14.74
C ASP A 201 -7.60 20.66 -16.09
N VAL A 202 -8.38 20.99 -17.12
CA VAL A 202 -7.84 21.07 -18.49
C VAL A 202 -6.91 22.27 -18.70
N ASP A 203 -7.12 23.34 -17.93
CA ASP A 203 -6.31 24.55 -18.08
C ASP A 203 -4.95 24.37 -17.42
N GLY A 204 -4.96 23.87 -16.18
CA GLY A 204 -3.75 23.55 -15.45
C GLY A 204 -3.11 22.23 -15.84
N ARG A 205 -3.78 21.46 -16.69
CA ARG A 205 -3.30 20.15 -17.14
C ARG A 205 -2.86 19.29 -15.97
N GLU A 206 -3.73 19.21 -14.98
CA GLU A 206 -3.50 18.47 -13.76
C GLU A 206 -4.66 17.54 -13.52
N GLY A 207 -4.37 16.36 -12.99
CA GLY A 207 -5.41 15.37 -12.76
C GLY A 207 -5.33 14.69 -11.41
N ARG A 208 -6.40 14.00 -11.08
CA ARG A 208 -6.48 13.19 -9.87
C ARG A 208 -7.24 11.91 -10.15
N THR A 209 -6.76 10.80 -9.60
CA THR A 209 -7.43 9.52 -9.77
C THR A 209 -7.07 8.57 -8.62
N TRP A 210 -8.00 7.65 -8.34
CA TRP A 210 -7.91 6.77 -7.18
C TRP A 210 -8.15 5.33 -7.60
N ASP A 211 -7.94 4.40 -6.68
CA ASP A 211 -8.47 3.05 -6.85
C ASP A 211 -10.01 3.13 -6.89
N ASN A 212 -10.64 1.99 -7.14
CA ASN A 212 -12.10 1.92 -7.30
C ASN A 212 -12.88 2.44 -6.09
N LEU A 213 -12.33 2.24 -4.90
CA LEU A 213 -13.01 2.63 -3.66
C LEU A 213 -12.73 4.09 -3.25
N GLY A 214 -11.83 4.76 -3.97
CA GLY A 214 -11.49 6.14 -3.68
C GLY A 214 -10.63 6.33 -2.44
N LEU A 215 -9.90 5.28 -2.05
CA LEU A 215 -9.15 5.28 -0.80
C LEU A 215 -7.67 5.58 -0.99
N VAL A 216 -7.06 4.94 -1.98
CA VAL A 216 -5.65 5.15 -2.30
C VAL A 216 -5.57 5.95 -3.60
N GLU A 217 -4.90 7.10 -3.56
CA GLU A 217 -4.75 7.95 -4.72
C GLU A 217 -3.49 7.56 -5.46
N ASP A 218 -3.57 7.48 -6.79
CA ASP A 218 -2.42 7.14 -7.61
C ASP A 218 -1.60 8.41 -7.82
N VAL A 219 -0.28 8.29 -7.72
CA VAL A 219 0.64 9.41 -7.85
C VAL A 219 0.67 9.95 -9.29
N ALA A 220 0.77 9.04 -10.26
CA ALA A 220 0.97 9.43 -11.66
C ALA A 220 0.58 8.28 -12.58
N THR A 221 -0.50 8.44 -13.34
CA THR A 221 -1.18 7.35 -14.02
C THR A 221 -0.89 7.39 -15.53
N GLY A 222 0.06 6.56 -15.97
CA GLY A 222 0.43 6.52 -17.38
C GLY A 222 -0.69 6.06 -18.29
N SER A 223 -1.58 5.21 -17.76
CA SER A 223 -2.68 4.67 -18.55
C SER A 223 -3.76 5.72 -18.82
N ALA A 224 -3.82 6.75 -17.96
CA ALA A 224 -4.72 7.90 -18.15
C ALA A 224 -4.05 9.06 -18.89
N ALA A 225 -2.73 9.11 -18.84
CA ALA A 225 -1.98 10.20 -19.45
C ALA A 225 -2.19 10.25 -20.96
N GLY A 226 -2.22 9.08 -21.58
CA GLY A 226 -2.48 8.99 -23.01
C GLY A 226 -3.84 9.57 -23.37
N PRO A 227 -4.92 8.98 -22.83
CA PRO A 227 -6.27 9.51 -23.04
C PRO A 227 -6.40 10.99 -22.76
N VAL A 228 -5.79 11.47 -21.68
CA VAL A 228 -5.87 12.89 -21.34
C VAL A 228 -5.24 13.73 -22.43
N ALA A 229 -4.06 13.33 -22.88
CA ALA A 229 -3.34 14.05 -23.93
C ALA A 229 -4.16 14.10 -25.20
N ALA A 230 -4.78 12.97 -25.57
CA ALA A 230 -5.57 12.87 -26.79
C ALA A 230 -6.82 13.73 -26.68
N TYR A 231 -7.39 13.81 -25.48
CA TYR A 231 -8.57 14.61 -25.21
C TYR A 231 -8.27 16.09 -25.38
N LEU A 232 -7.20 16.55 -24.74
CA LEU A 232 -6.80 17.96 -24.80
C LEU A 232 -6.55 18.39 -26.24
N VAL A 233 -5.90 17.53 -27.02
CA VAL A 233 -5.61 17.83 -28.42
C VAL A 233 -6.88 17.79 -29.29
N GLU A 234 -7.77 16.85 -29.00
CA GLU A 234 -9.03 16.69 -29.74
C GLU A 234 -9.93 17.92 -29.59
N TYR A 235 -9.94 18.51 -28.40
CA TYR A 235 -10.83 19.63 -28.09
C TYR A 235 -10.10 20.98 -28.17
N GLY A 236 -8.93 20.98 -28.84
CA GLY A 236 -8.21 22.20 -29.13
C GLY A 236 -7.60 22.90 -27.94
N LEU A 237 -7.35 22.14 -26.87
CA LEU A 237 -6.81 22.67 -25.63
C LEU A 237 -5.31 22.45 -25.52
N ALA A 238 -4.75 21.65 -26.42
CA ALA A 238 -3.30 21.50 -26.57
C ALA A 238 -2.94 21.25 -28.04
N ALA A 239 -1.72 21.61 -28.41
CA ALA A 239 -1.26 21.52 -29.80
C ALA A 239 -0.85 20.10 -30.18
N ARG A 240 -1.25 19.68 -31.38
CA ARG A 240 -0.74 18.46 -32.00
C ARG A 240 0.73 18.64 -32.34
N GLY A 241 1.51 17.60 -32.14
CA GLY A 241 2.90 17.56 -32.59
C GLY A 241 3.87 18.34 -31.72
N GLU A 242 3.44 18.73 -30.53
CA GLU A 242 4.30 19.47 -29.61
C GLU A 242 4.37 18.77 -28.26
N PRO A 243 5.54 18.80 -27.63
CA PRO A 243 5.69 18.22 -26.28
C PRO A 243 5.02 19.08 -25.24
N PHE A 244 4.20 18.48 -24.40
CA PHE A 244 3.72 19.17 -23.22
C PHE A 244 3.67 18.23 -22.03
N VAL A 245 3.39 18.78 -20.87
CA VAL A 245 3.43 18.00 -19.64
C VAL A 245 2.09 18.01 -18.92
N LEU A 246 1.75 16.85 -18.36
CA LEU A 246 0.65 16.71 -17.43
C LEU A 246 1.22 16.61 -16.02
N HIS A 247 0.41 17.05 -15.06
CA HIS A 247 0.84 17.07 -13.67
C HIS A 247 -0.06 16.17 -12.86
N GLN A 248 0.53 15.43 -11.95
CA GLN A 248 -0.22 14.57 -11.04
C GLN A 248 0.61 14.30 -9.79
N GLY A 249 -0.07 14.12 -8.67
CA GLY A 249 0.57 13.64 -7.45
C GLY A 249 0.83 14.65 -6.35
N ARG A 250 0.54 15.92 -6.60
CA ARG A 250 0.91 16.97 -5.65
C ARG A 250 0.11 16.89 -4.33
N PHE A 251 -1.12 16.37 -4.40
CA PHE A 251 -1.95 16.19 -3.21
C PHE A 251 -1.48 15.01 -2.33
N LEU A 252 -0.57 14.20 -2.87
CA LEU A 252 0.12 13.15 -2.11
C LEU A 252 1.55 13.56 -1.73
N GLU A 253 1.87 14.84 -1.92
CA GLU A 253 3.22 15.36 -1.70
C GLU A 253 4.29 14.64 -2.56
N ARG A 254 3.86 14.15 -3.72
CA ARG A 254 4.73 13.56 -4.72
C ARG A 254 4.42 14.14 -6.10
N PRO A 255 4.61 15.45 -6.25
CA PRO A 255 4.33 16.11 -7.53
C PRO A 255 5.21 15.52 -8.62
N SER A 256 4.58 15.20 -9.74
CA SER A 256 5.23 14.46 -10.82
C SER A 256 4.86 15.06 -12.16
N ARG A 257 5.74 14.87 -13.12
CA ARG A 257 5.56 15.38 -14.48
C ARG A 257 5.53 14.22 -15.46
N LEU A 258 4.49 14.17 -16.28
CA LEU A 258 4.31 13.14 -17.27
C LEU A 258 4.40 13.82 -18.63
N ASP A 259 5.38 13.42 -19.44
CA ASP A 259 5.56 13.99 -20.77
C ASP A 259 4.62 13.30 -21.74
N VAL A 260 3.90 14.08 -22.54
CA VAL A 260 2.93 13.55 -23.48
C VAL A 260 3.02 14.26 -24.83
N GLN A 261 2.57 13.58 -25.87
CA GLN A 261 2.50 14.17 -27.21
C GLN A 261 1.54 13.37 -28.09
N VAL A 262 0.79 14.08 -28.92
CA VAL A 262 -0.10 13.45 -29.89
C VAL A 262 0.45 13.78 -31.28
N ALA A 263 0.65 12.75 -32.10
CA ALA A 263 1.20 12.93 -33.44
C ALA A 263 0.08 13.29 -34.43
N THR A 264 0.45 13.47 -35.69
CA THR A 264 -0.54 13.71 -36.75
C THR A 264 -1.36 12.44 -37.01
N ASP A 265 -0.74 11.29 -36.79
CA ASP A 265 -1.37 9.99 -36.99
C ASP A 265 -2.51 9.75 -36.00
N GLY A 266 -2.43 10.43 -34.85
CA GLY A 266 -3.34 10.20 -33.74
C GLY A 266 -2.57 9.61 -32.56
N SER A 267 -1.44 8.98 -32.87
CA SER A 267 -0.66 8.23 -31.88
C SER A 267 -0.25 9.11 -30.70
N VAL A 268 -0.43 8.61 -29.49
CA VAL A 268 -0.03 9.36 -28.31
C VAL A 268 1.17 8.67 -27.67
N ARG A 269 2.19 9.45 -27.36
CA ARG A 269 3.36 8.92 -26.70
C ARG A 269 3.44 9.48 -25.29
N VAL A 270 3.76 8.63 -24.32
CA VAL A 270 3.89 9.04 -22.93
C VAL A 270 5.29 8.68 -22.44
N GLY A 271 5.96 9.61 -21.78
CA GLY A 271 7.31 9.38 -21.31
C GLY A 271 7.60 10.01 -19.96
N GLY A 272 8.72 9.61 -19.37
CA GLY A 272 9.14 10.13 -18.09
C GLY A 272 10.48 9.57 -17.65
N HIS A 273 11.06 10.23 -16.66
CA HIS A 273 12.29 9.76 -16.03
C HIS A 273 12.00 8.59 -15.07
N VAL A 274 12.98 7.70 -14.95
CA VAL A 274 12.88 6.52 -14.11
C VAL A 274 14.16 6.35 -13.30
N GLN A 275 14.01 6.10 -12.01
CA GLN A 275 15.12 5.80 -11.13
C GLN A 275 15.01 4.39 -10.59
N LEU A 276 16.15 3.74 -10.43
CA LEU A 276 16.22 2.40 -9.84
C LEU A 276 16.68 2.53 -8.38
N LEU A 277 15.89 2.01 -7.45
CA LEU A 277 16.14 2.21 -6.02
C LEU A 277 16.72 1.01 -5.28
N ALA A 278 16.27 -0.20 -5.61
CA ALA A 278 16.67 -1.40 -4.88
C ALA A 278 16.54 -2.64 -5.73
N ARG A 279 17.42 -3.59 -5.50
CA ARG A 279 17.40 -4.91 -6.11
C ARG A 279 17.20 -5.94 -5.00
N ALA A 280 16.14 -6.73 -5.10
CA ALA A 280 15.76 -7.70 -4.07
C ALA A 280 15.90 -9.12 -4.59
N GLU A 281 16.55 -9.97 -3.80
CA GLU A 281 16.68 -11.39 -4.07
C GLU A 281 15.64 -12.16 -3.30
N LEU A 282 14.87 -13.01 -3.98
CA LEU A 282 13.84 -13.82 -3.34
C LEU A 282 14.51 -14.97 -2.61
N LEU A 283 14.04 -15.21 -1.39
CA LEU A 283 14.63 -16.20 -0.50
C LEU A 283 13.71 -17.43 -0.33
N THR A 284 12.52 -17.37 -0.90
CA THR A 284 11.55 -18.47 -0.80
C THR A 284 11.68 -19.40 -2.00
N SER A 285 10.90 -20.47 -2.00
CA SER A 285 10.99 -21.48 -3.04
C SER A 285 10.31 -20.98 -4.31
N ALA A 286 10.84 -21.39 -5.47
CA ALA A 286 10.45 -20.77 -6.74
C ALA A 286 9.09 -21.25 -7.25
N SER B 4 23.19 3.67 -0.21
CA SER B 4 23.36 2.19 -0.34
C SER B 4 23.47 1.46 1.01
N ARG B 5 22.63 0.43 1.17
CA ARG B 5 22.67 -0.53 2.25
C ARG B 5 21.61 -1.61 2.03
N ARG B 6 20.88 -2.02 3.06
CA ARG B 6 20.20 -3.31 3.04
C ARG B 6 18.90 -3.25 3.80
N TYR B 7 17.83 -3.85 3.26
CA TYR B 7 16.66 -4.14 4.05
C TYR B 7 16.12 -5.50 3.65
N TRP B 8 15.21 -6.01 4.45
CA TRP B 8 14.64 -7.34 4.25
C TRP B 8 13.13 -7.28 4.31
N GLN B 9 12.47 -8.06 3.47
CA GLN B 9 11.02 -8.19 3.46
C GLN B 9 10.62 -9.47 4.22
N LEU B 10 9.78 -9.32 5.24
CA LEU B 10 9.31 -10.43 6.07
C LEU B 10 7.80 -10.35 6.22
N ASP B 11 7.17 -11.48 6.56
CA ASP B 11 5.75 -11.51 6.92
C ASP B 11 5.62 -11.96 8.36
N VAL B 12 4.86 -11.20 9.14
CA VAL B 12 4.67 -11.50 10.55
C VAL B 12 3.25 -12.04 10.80
N PHE B 13 3.15 -13.03 11.67
CA PHE B 13 1.91 -13.77 11.96
C PHE B 13 1.46 -14.58 10.74
N ALA B 14 2.44 -15.12 10.03
CA ALA B 14 2.22 -15.72 8.71
C ALA B 14 2.63 -17.17 8.77
N GLU B 15 1.66 -18.04 8.51
CA GLU B 15 1.89 -19.45 8.51
C GLU B 15 2.60 -19.91 7.21
N ARG B 16 2.55 -19.08 6.18
CA ARG B 16 3.27 -19.32 4.93
C ARG B 16 3.62 -17.97 4.31
N PRO B 17 4.54 -17.93 3.35
CA PRO B 17 4.87 -16.66 2.70
C PRO B 17 3.68 -16.02 1.99
N LEU B 18 3.71 -14.71 1.88
CA LEU B 18 2.72 -13.93 1.14
C LEU B 18 1.35 -13.84 1.84
N THR B 19 1.36 -14.04 3.15
CA THR B 19 0.22 -13.70 3.98
C THR B 19 0.74 -13.07 5.27
N GLY B 20 -0.14 -12.74 6.20
CA GLY B 20 0.27 -12.03 7.41
C GLY B 20 0.67 -10.61 7.07
N ASN B 21 1.31 -9.95 8.03
CA ASN B 21 1.63 -8.54 7.89
C ASN B 21 3.03 -8.35 7.32
N GLY B 22 3.10 -7.88 6.08
CA GLY B 22 4.36 -7.59 5.43
C GLY B 22 5.08 -6.46 6.14
N LEU B 23 6.40 -6.56 6.17
CA LEU B 23 7.25 -5.69 6.99
C LEU B 23 8.61 -5.55 6.32
N ALA B 24 9.11 -4.32 6.22
CA ALA B 24 10.50 -4.08 5.82
C ALA B 24 11.34 -3.84 7.07
N VAL B 25 12.48 -4.51 7.15
CA VAL B 25 13.41 -4.39 8.28
C VAL B 25 14.75 -3.94 7.75
N PHE B 26 15.21 -2.79 8.25
CA PHE B 26 16.57 -2.31 7.98
C PHE B 26 17.43 -2.75 9.15
N ASP B 27 18.36 -3.70 8.93
CA ASP B 27 19.08 -4.31 10.05
C ASP B 27 20.17 -3.43 10.65
N ASP B 28 20.65 -2.43 9.92
CA ASP B 28 21.60 -1.46 10.48
C ASP B 28 21.35 -0.07 9.93
N ALA B 29 20.53 0.67 10.66
CA ALA B 29 20.13 2.02 10.29
C ALA B 29 20.98 3.11 10.96
N SER B 30 22.20 2.74 11.35
CA SER B 30 23.10 3.65 12.08
C SER B 30 23.38 4.98 11.37
N ALA B 31 23.33 4.99 10.05
CA ALA B 31 23.63 6.17 9.27
C ALA B 31 22.41 6.78 8.58
N LEU B 32 21.20 6.37 8.98
CA LEU B 32 19.98 6.94 8.43
C LEU B 32 19.40 7.93 9.41
N ASP B 33 19.21 9.17 8.97
CA ASP B 33 18.52 10.15 9.81
C ASP B 33 17.01 9.85 9.84
N ASP B 34 16.29 10.48 10.75
CA ASP B 34 14.85 10.21 10.89
C ASP B 34 14.09 10.47 9.60
N ALA B 35 14.43 11.54 8.90
CA ALA B 35 13.75 11.88 7.65
C ALA B 35 13.94 10.77 6.63
N ALA B 36 15.13 10.17 6.60
CA ALA B 36 15.42 9.10 5.65
C ALA B 36 14.65 7.85 6.04
N GLN B 38 11.72 7.78 7.56
CA GLN B 38 10.33 8.06 7.19
C GLN B 38 10.16 8.01 5.68
N ALA B 39 11.16 8.49 4.94
CA ALA B 39 11.07 8.49 3.47
C ALA B 39 11.10 7.08 2.91
N TRP B 40 11.95 6.22 3.45
CA TRP B 40 12.00 4.83 2.97
C TRP B 40 10.74 4.11 3.37
N THR B 41 10.20 4.39 4.53
CA THR B 41 8.92 3.82 4.94
C THR B 41 7.83 4.14 3.92
N ARG B 42 7.77 5.38 3.49
CA ARG B 42 6.75 5.81 2.54
C ARG B 42 7.00 5.20 1.17
N GLU B 43 8.26 5.02 0.79
CA GLU B 43 8.59 4.42 -0.49
C GLU B 43 8.13 2.97 -0.56
N LEU B 44 8.44 2.21 0.49
CA LEU B 44 8.19 0.76 0.48
C LEU B 44 6.73 0.40 0.74
N ARG B 45 5.98 1.31 1.35
CA ARG B 45 4.53 1.20 1.52
C ARG B 45 4.06 0.04 2.39
N GLN B 46 4.96 -0.62 3.13
CA GLN B 46 4.56 -1.57 4.15
C GLN B 46 3.88 -0.77 5.26
N PHE B 47 2.88 -1.34 5.90
CA PHE B 47 2.09 -0.55 6.86
C PHE B 47 3.04 0.04 7.91
N GLU B 48 3.99 -0.77 8.33
CA GLU B 48 5.14 -0.31 9.13
C GLU B 48 6.46 -0.82 8.57
N SER B 49 7.50 -0.01 8.74
CA SER B 49 8.88 -0.43 8.53
C SER B 49 9.60 -0.24 9.88
N ILE B 50 10.62 -1.03 10.12
CA ILE B 50 11.40 -0.95 11.33
C ILE B 50 12.90 -0.84 11.01
N PHE B 51 13.57 0.00 11.79
CA PHE B 51 14.97 0.34 11.61
C PHE B 51 15.71 -0.02 12.87
N LEU B 52 16.76 -0.82 12.76
CA LEU B 52 17.49 -1.30 13.94
C LEU B 52 18.83 -0.60 14.03
N LEU B 53 19.26 -0.32 15.27
CA LEU B 53 20.55 0.30 15.51
C LEU B 53 21.23 -0.45 16.65
N PRO B 54 22.51 -0.80 16.51
CA PRO B 54 23.17 -1.65 17.50
C PRO B 54 23.08 -1.08 18.93
N GLY B 55 22.86 -1.97 19.91
CA GLY B 55 22.87 -1.61 21.31
C GLY B 55 24.25 -1.81 21.89
N ASP B 56 24.34 -2.06 23.19
CA ASP B 56 25.64 -2.12 23.88
C ASP B 56 26.12 -3.56 24.06
N ASP B 57 25.65 -4.42 23.15
CA ASP B 57 25.39 -5.81 23.44
C ASP B 57 24.96 -6.44 22.09
N PRO B 58 25.51 -7.59 21.70
CA PRO B 58 25.14 -8.20 20.41
C PRO B 58 23.68 -8.73 20.35
N ARG B 59 23.00 -8.79 21.49
CA ARG B 59 21.58 -9.18 21.52
C ARG B 59 20.64 -8.02 21.86
N ALA B 60 21.17 -6.81 22.01
CA ALA B 60 20.37 -5.64 22.31
C ALA B 60 20.43 -4.63 21.17
N PHE B 61 19.25 -4.19 20.74
CA PHE B 61 19.16 -3.23 19.67
C PHE B 61 18.18 -2.15 20.02
N ARG B 62 18.43 -0.97 19.51
CA ARG B 62 17.48 0.10 19.56
C ARG B 62 16.66 0.00 18.28
N ALA B 63 15.37 0.25 18.37
CA ALA B 63 14.47 0.13 17.22
C ALA B 63 13.67 1.40 17.03
N ARG B 64 13.37 1.72 15.78
CA ARG B 64 12.50 2.81 15.37
C ARG B 64 11.46 2.24 14.40
N ILE B 65 10.19 2.43 14.71
CA ILE B 65 9.09 1.91 13.92
C ILE B 65 8.34 3.07 13.35
N PHE B 66 8.10 3.03 12.04
CA PHE B 66 7.33 4.06 11.37
C PHE B 66 6.15 3.49 10.61
N THR B 67 5.02 4.19 10.69
CA THR B 67 3.95 4.03 9.70
C THR B 67 4.18 5.08 8.61
N LEU B 68 3.33 5.09 7.60
CA LEU B 68 3.45 6.12 6.57
C LEU B 68 3.11 7.51 7.10
N GLU B 69 2.42 7.59 8.24
CA GLU B 69 2.02 8.87 8.83
C GLU B 69 3.03 9.43 9.83
N GLU B 70 3.56 8.55 10.68
CA GLU B 70 4.29 8.96 11.88
C GLU B 70 5.10 7.84 12.50
N GLU B 71 6.02 8.17 13.38
CA GLU B 71 6.68 7.16 14.22
C GLU B 71 5.70 6.58 15.26
N LEU B 72 5.77 5.27 15.47
CA LEU B 72 4.92 4.57 16.44
C LEU B 72 5.79 3.71 17.36
N PRO B 73 6.36 4.31 18.39
CA PRO B 73 7.35 3.65 19.27
C PRO B 73 6.74 2.72 20.32
N PHE B 74 6.03 1.70 19.87
CA PHE B 74 5.27 0.79 20.76
C PHE B 74 5.48 -0.64 20.31
N ALA B 75 5.47 -1.54 21.29
CA ALA B 75 5.65 -2.97 21.03
C ALA B 75 4.55 -3.47 20.11
N GLY B 76 4.96 -4.07 19.00
CA GLY B 76 4.02 -4.54 17.99
C GLY B 76 4.67 -5.51 17.03
N HIS B 77 3.96 -5.82 15.94
CA HIS B 77 4.42 -6.81 14.96
C HIS B 77 5.86 -6.60 14.45
N PRO B 78 6.31 -5.36 14.24
CA PRO B 78 7.67 -5.20 13.73
C PRO B 78 8.76 -5.79 14.61
N LEU B 79 8.54 -5.85 15.93
CA LEU B 79 9.54 -6.44 16.80
C LEU B 79 9.72 -7.94 16.56
N LEU B 80 8.62 -8.62 16.26
CA LEU B 80 8.67 -10.05 15.96
C LEU B 80 9.48 -10.31 14.68
N GLY B 81 9.25 -9.47 13.68
CA GLY B 81 10.02 -9.55 12.44
C GLY B 81 11.48 -9.26 12.67
N ALA B 82 11.77 -8.24 13.48
CA ALA B 82 13.16 -7.91 13.77
C ALA B 82 13.87 -9.08 14.47
N ALA B 83 13.21 -9.71 15.43
CA ALA B 83 13.79 -10.82 16.16
C ALA B 83 14.11 -12.00 15.23
N ALA B 84 13.17 -12.32 14.34
CA ALA B 84 13.40 -13.38 13.37
C ALA B 84 14.58 -13.05 12.47
N LEU B 85 14.67 -11.81 12.01
CA LEU B 85 15.78 -11.43 11.17
C LEU B 85 17.12 -11.46 11.92
N LEU B 86 17.13 -11.00 13.16
CA LEU B 86 18.35 -11.06 13.95
C LEU B 86 18.83 -12.51 14.13
N HIS B 87 17.89 -13.43 14.31
CA HIS B 87 18.19 -14.86 14.41
C HIS B 87 18.77 -15.37 13.09
N HIS B 88 18.15 -15.00 11.98
CA HIS B 88 18.67 -15.31 10.65
C HIS B 88 20.11 -14.88 10.50
N LEU B 89 20.42 -13.66 10.92
CA LEU B 89 21.77 -13.09 10.69
C LEU B 89 22.81 -13.64 11.64
N ARG B 90 22.44 -13.89 12.90
CA ARG B 90 23.41 -14.29 13.92
C ARG B 90 23.70 -15.79 13.85
N GLY B 91 22.69 -16.57 13.50
CA GLY B 91 22.73 -18.01 13.68
C GLY B 91 22.37 -18.37 15.11
N GLY B 92 22.39 -19.65 15.41
CA GLY B 92 22.02 -20.15 16.73
C GLY B 92 20.97 -21.23 16.60
N ASP B 93 20.97 -22.18 17.54
CA ASP B 93 20.19 -23.41 17.43
C ASP B 93 18.91 -23.37 18.23
N ASN B 94 19.03 -23.04 19.51
CA ASN B 94 17.90 -23.11 20.41
C ASN B 94 17.06 -21.84 20.28
N GLU B 95 16.37 -21.50 21.35
CA GLU B 95 15.75 -20.22 21.50
C GLU B 95 16.83 -19.17 21.65
N GLN B 96 16.69 -18.09 20.89
CA GLN B 96 17.54 -16.93 21.02
C GLN B 96 16.75 -15.84 21.72
N HIS B 97 17.42 -15.08 22.57
CA HIS B 97 16.80 -13.98 23.29
C HIS B 97 17.36 -12.67 22.79
N TRP B 98 16.50 -11.67 22.71
CA TRP B 98 16.83 -10.33 22.25
C TRP B 98 16.14 -9.31 23.12
N THR B 99 16.76 -8.15 23.24
CA THR B 99 16.14 -7.00 23.88
C THR B 99 16.04 -5.89 22.85
N LEU B 100 14.83 -5.43 22.53
CA LEU B 100 14.63 -4.36 21.58
C LEU B 100 14.10 -3.14 22.31
N HIS B 101 14.81 -2.03 22.19
CA HIS B 101 14.50 -0.84 22.94
C HIS B 101 13.65 0.09 22.08
N LEU B 102 12.49 0.45 22.60
CA LEU B 102 11.59 1.44 22.00
C LEU B 102 11.49 2.55 23.01
N ALA B 103 12.28 3.61 22.82
CA ALA B 103 12.38 4.70 23.79
C ALA B 103 12.67 4.09 25.17
N SER B 104 11.87 4.38 26.19
CA SER B 104 12.16 3.91 27.56
C SER B 104 11.83 2.44 27.80
N LYS B 105 11.19 1.78 26.84
CA LYS B 105 10.77 0.39 26.97
C LYS B 105 11.84 -0.57 26.48
N SER B 106 12.13 -1.57 27.29
CA SER B 106 13.04 -2.64 26.93
C SER B 106 12.19 -3.89 26.72
N VAL B 107 11.97 -4.26 25.46
CA VAL B 107 11.06 -5.36 25.14
C VAL B 107 11.84 -6.65 24.95
N ALA B 108 11.45 -7.66 25.73
CA ALA B 108 12.06 -8.98 25.66
C ALA B 108 11.43 -9.82 24.56
N LEU B 109 12.27 -10.29 23.65
CA LEU B 109 11.85 -11.14 22.53
C LEU B 109 12.57 -12.46 22.57
N ARG B 110 11.88 -13.49 22.10
CA ARG B 110 12.44 -14.82 21.92
C ARG B 110 12.16 -15.27 20.53
N SER B 111 13.11 -15.94 19.89
CA SER B 111 12.92 -16.50 18.57
C SER B 111 13.44 -17.92 18.49
N VAL B 112 12.81 -18.72 17.64
CA VAL B 112 13.28 -20.06 17.31
C VAL B 112 13.15 -20.30 15.82
N ARG B 113 14.05 -21.10 15.27
CA ARG B 113 13.88 -21.58 13.90
C ARG B 113 12.66 -22.47 13.82
N ALA B 114 11.96 -22.36 12.71
CA ALA B 114 10.84 -23.22 12.41
C ALA B 114 11.14 -23.93 11.09
N GLY B 115 10.31 -24.91 10.75
CA GLY B 115 10.46 -25.60 9.48
C GLY B 115 10.40 -24.64 8.31
N SER B 116 9.49 -23.67 8.40
CA SER B 116 9.38 -22.55 7.49
C SER B 116 9.58 -21.29 8.31
N GLY B 117 10.65 -20.57 8.05
CA GLY B 117 10.89 -19.32 8.73
C GLY B 117 11.23 -19.51 10.20
N PHE B 118 10.60 -18.71 11.04
CA PHE B 118 10.87 -18.62 12.47
C PHE B 118 9.57 -18.52 13.22
N TYR B 119 9.66 -18.76 14.53
CA TYR B 119 8.62 -18.38 15.46
C TYR B 119 9.22 -17.34 16.36
N ALA B 120 8.49 -16.27 16.65
CA ALA B 120 8.96 -15.25 17.54
C ALA B 120 7.84 -14.80 18.48
N GLU B 121 8.21 -14.41 19.68
CA GLU B 121 7.25 -13.89 20.66
C GLU B 121 7.84 -12.73 21.43
N ASP B 123 7.17 -10.12 25.02
CA ASP B 123 6.52 -9.87 26.30
C ASP B 123 6.12 -8.39 26.32
N GLN B 124 4.81 -8.14 26.22
CA GLN B 124 4.29 -6.76 26.18
C GLN B 124 4.05 -6.16 27.57
N GLY B 125 4.37 -6.92 28.61
CA GLY B 125 4.14 -6.47 29.98
C GLY B 125 2.69 -6.59 30.37
N ARG B 126 2.32 -5.89 31.44
CA ARG B 126 0.95 -5.91 31.93
C ARG B 126 0.07 -4.93 31.17
N ALA B 127 -1.11 -5.39 30.79
CA ALA B 127 -2.06 -4.52 30.12
C ALA B 127 -2.62 -3.50 31.11
N GLU B 128 -2.89 -2.31 30.59
CA GLU B 128 -3.49 -1.22 31.34
C GLU B 128 -4.87 -0.93 30.77
N PHE B 129 -5.86 -0.99 31.65
CA PHE B 129 -7.24 -0.68 31.27
C PHE B 129 -7.56 0.76 31.62
N GLY B 130 -8.37 1.38 30.76
CA GLY B 130 -8.74 2.78 30.90
C GLY B 130 -10.22 3.03 30.73
N ALA B 131 -10.54 4.07 29.97
CA ALA B 131 -11.89 4.60 29.92
C ALA B 131 -12.95 3.59 29.51
N THR B 132 -14.15 3.83 29.97
CA THR B 132 -15.32 3.03 29.69
C THR B 132 -16.38 3.97 29.14
N PRO B 133 -16.35 4.22 27.82
CA PRO B 133 -17.27 5.20 27.23
C PRO B 133 -18.73 4.85 27.52
N ASP B 134 -19.57 5.88 27.65
CA ASP B 134 -20.99 5.67 27.91
C ASP B 134 -21.72 5.24 26.64
N ALA B 135 -22.99 4.90 26.78
CA ALA B 135 -23.73 4.28 25.69
C ALA B 135 -23.82 5.18 24.47
N GLY B 136 -24.03 6.47 24.70
CA GLY B 136 -24.14 7.42 23.62
C GLY B 136 -22.86 7.48 22.81
N THR B 137 -21.73 7.48 23.52
CA THR B 137 -20.43 7.55 22.89
C THR B 137 -20.13 6.26 22.11
N CYS B 138 -20.47 5.11 22.68
CA CYS B 138 -20.28 3.83 21.99
C CYS B 138 -21.06 3.77 20.69
N ARG B 139 -22.31 4.22 20.71
CA ARG B 139 -23.16 4.27 19.54
C ARG B 139 -22.56 5.20 18.48
N TRP B 140 -22.03 6.35 18.91
CA TRP B 140 -21.39 7.28 18.01
C TRP B 140 -20.20 6.64 17.29
N PHE B 141 -19.41 5.86 18.02
CA PHE B 141 -18.27 5.16 17.41
C PHE B 141 -18.71 4.08 16.43
N ALA B 142 -19.73 3.30 16.78
CA ALA B 142 -20.30 2.34 15.84
C ALA B 142 -20.73 3.05 14.56
N GLU B 143 -21.44 4.16 14.69
CA GLU B 143 -21.94 4.91 13.55
C GLU B 143 -20.81 5.52 12.73
N ALA B 144 -19.70 5.85 13.39
CA ALA B 144 -18.52 6.36 12.70
C ALA B 144 -17.88 5.32 11.80
N PHE B 145 -18.24 4.06 12.01
CA PHE B 145 -17.82 2.94 11.15
C PHE B 145 -18.96 2.35 10.32
N SER B 146 -20.00 3.15 10.09
CA SER B 146 -21.15 2.72 9.26
C SER B 146 -21.98 1.60 9.89
N LEU B 147 -21.89 1.47 11.21
CA LEU B 147 -22.60 0.45 11.96
C LEU B 147 -23.70 1.10 12.77
N SER B 148 -24.66 0.30 13.20
CA SER B 148 -25.78 0.76 14.03
C SER B 148 -25.56 0.35 15.48
N ALA B 149 -26.37 0.89 16.40
CA ALA B 149 -26.26 0.52 17.81
C ALA B 149 -26.45 -1.00 17.99
N ASN B 150 -27.31 -1.57 17.16
CA ASN B 150 -27.63 -2.99 17.19
C ASN B 150 -26.45 -3.89 16.81
N ASP B 151 -25.48 -3.31 16.09
CA ASP B 151 -24.28 -4.02 15.69
C ASP B 151 -23.24 -4.16 16.81
N LEU B 152 -23.34 -3.36 17.87
CA LEU B 152 -22.53 -3.57 19.05
C LEU B 152 -22.94 -4.90 19.68
N SER B 153 -21.97 -5.71 20.07
CA SER B 153 -22.27 -7.04 20.57
C SER B 153 -22.68 -7.10 22.04
N GLY B 154 -22.58 -6.00 22.76
CA GLY B 154 -22.98 -5.93 24.15
C GLY B 154 -21.85 -6.00 25.16
N HIS B 155 -20.70 -6.46 24.72
CA HIS B 155 -19.51 -6.44 25.58
C HIS B 155 -19.02 -5.00 25.62
N PRO B 156 -18.76 -4.46 26.81
CA PRO B 156 -18.49 -3.03 26.93
C PRO B 156 -17.21 -2.58 26.23
N PRO B 157 -17.29 -1.58 25.37
CA PRO B 157 -16.07 -0.99 24.83
C PRO B 157 -15.18 -0.44 25.94
N ARG B 158 -13.88 -0.62 25.76
CA ARG B 158 -12.88 -0.17 26.73
C ARG B 158 -11.64 0.29 26.02
N VAL B 159 -10.96 1.26 26.60
CA VAL B 159 -9.61 1.59 26.18
C VAL B 159 -8.67 0.64 26.91
N VAL B 160 -7.80 -0.03 26.16
CA VAL B 160 -6.86 -0.99 26.71
C VAL B 160 -5.53 -0.80 26.00
N SER B 161 -4.41 -0.99 26.73
CA SER B 161 -3.09 -0.62 26.22
C SER B 161 -2.00 -1.52 26.78
N THR B 162 -1.05 -1.87 25.93
CA THR B 162 0.26 -2.36 26.40
C THR B 162 1.37 -1.36 26.00
N GLY B 163 0.97 -0.12 25.78
CA GLY B 163 1.84 0.96 25.33
C GLY B 163 1.14 1.95 24.43
N LEU B 164 0.40 1.40 23.46
CA LEU B 164 -0.40 2.19 22.53
C LEU B 164 -1.88 1.95 22.82
N PRO B 165 -2.58 2.91 23.39
CA PRO B 165 -3.96 2.67 23.80
C PRO B 165 -4.95 2.57 22.63
N TYR B 166 -5.73 1.50 22.61
CA TYR B 166 -6.78 1.30 21.63
C TYR B 166 -8.14 1.34 22.31
N LEU B 167 -9.11 2.01 21.68
CA LEU B 167 -10.51 1.76 22.00
C LEU B 167 -10.91 0.45 21.33
N LEU B 168 -11.16 -0.57 22.14
CA LEU B 168 -11.70 -1.84 21.63
C LEU B 168 -13.21 -1.71 21.57
N LEU B 169 -13.76 -1.90 20.38
CA LEU B 169 -15.20 -1.71 20.15
C LEU B 169 -15.82 -3.06 19.75
N PRO B 170 -16.40 -3.80 20.70
CA PRO B 170 -16.99 -5.10 20.33
C PRO B 170 -18.24 -4.99 19.47
N VAL B 171 -18.13 -5.60 18.29
CA VAL B 171 -19.20 -5.69 17.30
C VAL B 171 -19.40 -7.14 16.84
N THR B 172 -20.54 -7.41 16.22
CA THR B 172 -20.82 -8.75 15.73
C THR B 172 -19.98 -9.05 14.49
N ALA B 173 -19.89 -10.32 14.12
CA ALA B 173 -19.19 -10.71 12.90
C ALA B 173 -19.81 -10.06 11.66
N GLU B 174 -21.14 -10.01 11.62
CA GLU B 174 -21.87 -9.42 10.50
C GLU B 174 -21.43 -7.95 10.35
N ALA B 175 -21.40 -7.25 11.48
CA ALA B 175 -21.03 -5.84 11.47
C ALA B 175 -19.57 -5.67 11.07
N LEU B 176 -18.69 -6.52 11.60
CA LEU B 176 -17.27 -6.38 11.31
C LEU B 176 -17.02 -6.40 9.82
N GLY B 177 -17.76 -7.24 9.10
CA GLY B 177 -17.57 -7.41 7.68
C GLY B 177 -18.15 -6.34 6.79
N ARG B 178 -18.88 -5.39 7.36
CA ARG B 178 -19.33 -4.24 6.58
C ARG B 178 -18.94 -2.90 7.19
N ALA B 179 -17.96 -2.92 8.09
CA ALA B 179 -17.43 -1.71 8.68
C ALA B 179 -16.73 -0.83 7.65
N ARG B 180 -16.95 0.48 7.76
CA ARG B 180 -16.33 1.46 6.87
C ARG B 180 -16.34 2.82 7.58
N GLN B 181 -15.16 3.37 7.81
CA GLN B 181 -15.06 4.65 8.52
C GLN B 181 -15.61 5.78 7.66
N VAL B 182 -16.52 6.56 8.26
CA VAL B 182 -17.17 7.68 7.59
C VAL B 182 -17.17 8.96 8.45
N ASN B 183 -16.44 8.98 9.55
CA ASN B 183 -16.38 10.16 10.41
C ASN B 183 -14.97 10.32 10.97
N ASP B 184 -14.59 11.55 11.29
CA ASP B 184 -13.30 11.82 11.91
C ASP B 184 -13.35 11.45 13.38
N LEU B 185 -12.33 10.73 13.84
CA LEU B 185 -12.32 10.13 15.16
C LEU B 185 -11.47 10.84 16.19
N GLN B 186 -10.66 11.82 15.78
CA GLN B 186 -9.60 12.32 16.65
C GLN B 186 -10.06 12.95 17.97
N GLU B 187 -11.06 13.83 17.89
CA GLU B 187 -11.58 14.50 19.08
C GLU B 187 -12.15 13.48 20.07
N ALA B 188 -12.92 12.54 19.55
CA ALA B 188 -13.59 11.56 20.38
C ALA B 188 -12.57 10.60 21.01
N LEU B 189 -11.53 10.24 20.28
CA LEU B 189 -10.49 9.34 20.80
C LEU B 189 -9.65 10.04 21.85
N ASP B 190 -9.30 11.30 21.57
CA ASP B 190 -8.55 12.12 22.52
C ASP B 190 -9.26 12.20 23.87
N LYS B 191 -10.58 12.37 23.83
CA LYS B 191 -11.37 12.46 25.06
C LYS B 191 -11.30 11.20 25.90
N LEU B 192 -11.13 10.06 25.23
CA LEU B 192 -11.00 8.78 25.90
C LEU B 192 -9.57 8.35 26.19
N GLY B 193 -8.58 9.12 25.75
CA GLY B 193 -7.18 8.76 25.94
C GLY B 193 -6.75 7.59 25.08
N ALA B 194 -7.39 7.45 23.92
CA ALA B 194 -7.11 6.38 22.97
C ALA B 194 -6.49 6.94 21.69
N ALA B 195 -5.61 6.15 21.07
CA ALA B 195 -4.95 6.54 19.82
C ALA B 195 -5.68 6.04 18.57
N PHE B 196 -6.24 4.84 18.65
CA PHE B 196 -6.90 4.20 17.51
C PHE B 196 -8.08 3.37 17.99
N VAL B 197 -9.00 3.10 17.08
CA VAL B 197 -10.09 2.14 17.30
C VAL B 197 -9.68 0.79 16.71
N TYR B 198 -9.96 -0.27 17.48
CA TYR B 198 -9.85 -1.65 17.00
C TYR B 198 -11.24 -2.26 17.10
N LEU B 199 -11.83 -2.61 15.96
CA LEU B 199 -13.14 -3.27 15.94
C LEU B 199 -12.92 -4.73 16.25
N LEU B 200 -13.68 -5.27 17.20
CA LEU B 200 -13.43 -6.60 17.73
C LEU B 200 -14.68 -7.47 17.73
N ASP B 201 -14.60 -8.58 17.02
CA ASP B 201 -15.60 -9.65 17.12
C ASP B 201 -15.08 -10.58 18.22
N VAL B 202 -15.59 -10.41 19.44
CA VAL B 202 -15.11 -11.17 20.57
C VAL B 202 -15.35 -12.66 20.41
N ASP B 203 -16.50 -13.05 19.88
CA ASP B 203 -16.83 -14.50 19.78
C ASP B 203 -16.01 -15.20 18.71
N GLY B 204 -15.78 -14.52 17.60
CA GLY B 204 -14.95 -15.03 16.53
C GLY B 204 -13.45 -14.81 16.72
N ARG B 205 -13.10 -14.02 17.74
CA ARG B 205 -11.70 -13.66 18.01
C ARG B 205 -11.02 -13.11 16.76
N GLU B 206 -11.71 -12.18 16.10
CA GLU B 206 -11.23 -11.57 14.88
C GLU B 206 -11.44 -10.07 15.00
N GLY B 207 -10.54 -9.29 14.44
CA GLY B 207 -10.66 -7.85 14.48
C GLY B 207 -10.30 -7.16 13.19
N ARG B 208 -10.56 -5.86 13.14
CA ARG B 208 -10.15 -5.03 12.03
C ARG B 208 -9.74 -3.67 12.57
N THR B 209 -8.75 -3.08 11.93
CA THR B 209 -8.31 -1.73 12.29
C THR B 209 -7.60 -1.06 11.11
N TRP B 210 -7.63 0.27 11.12
CA TRP B 210 -7.13 1.09 10.03
C TRP B 210 -6.24 2.18 10.57
N ASP B 211 -5.59 2.89 9.65
CA ASP B 211 -5.00 4.19 9.97
C ASP B 211 -6.11 5.15 10.45
N ASN B 212 -5.71 6.30 10.99
CA ASN B 212 -6.66 7.25 11.55
C ASN B 212 -7.75 7.77 10.60
N LEU B 213 -7.47 7.75 9.30
CA LEU B 213 -8.41 8.23 8.32
C LEU B 213 -9.29 7.12 7.75
N GLY B 214 -9.02 5.89 8.16
CA GLY B 214 -9.81 4.75 7.73
C GLY B 214 -9.57 4.34 6.29
N LEU B 215 -8.43 4.73 5.73
CA LEU B 215 -8.12 4.50 4.31
C LEU B 215 -7.35 3.21 4.05
N VAL B 216 -6.34 2.92 4.86
CA VAL B 216 -5.57 1.70 4.72
C VAL B 216 -5.80 0.83 5.95
N GLU B 217 -6.18 -0.42 5.69
CA GLU B 217 -6.43 -1.42 6.73
C GLU B 217 -5.14 -2.16 7.07
N ASP B 218 -4.89 -2.34 8.37
CA ASP B 218 -3.73 -3.08 8.86
C ASP B 218 -4.06 -4.56 8.83
N VAL B 219 -3.10 -5.39 8.39
CA VAL B 219 -3.33 -6.82 8.25
C VAL B 219 -3.40 -7.55 9.59
N ALA B 220 -2.48 -7.23 10.49
CA ALA B 220 -2.37 -7.93 11.76
C ALA B 220 -1.64 -7.06 12.76
N THR B 221 -2.34 -6.59 13.77
CA THR B 221 -1.88 -5.48 14.61
C THR B 221 -1.35 -6.00 15.93
N GLY B 222 -0.06 -6.24 16.00
CA GLY B 222 0.56 -6.76 17.20
C GLY B 222 0.38 -5.89 18.45
N SER B 223 0.36 -4.57 18.28
CA SER B 223 0.20 -3.67 19.41
C SER B 223 -1.22 -3.66 19.95
N ALA B 224 -2.18 -4.14 19.15
CA ALA B 224 -3.56 -4.32 19.60
C ALA B 224 -3.83 -5.72 20.13
N ALA B 225 -3.03 -6.70 19.70
CA ALA B 225 -3.27 -8.10 20.06
C ALA B 225 -3.13 -8.31 21.57
N GLY B 226 -2.17 -7.66 22.20
CA GLY B 226 -2.01 -7.78 23.64
C GLY B 226 -3.21 -7.22 24.38
N PRO B 227 -3.58 -5.97 24.09
CA PRO B 227 -4.83 -5.42 24.65
C PRO B 227 -6.08 -6.28 24.42
N VAL B 228 -6.24 -6.82 23.22
CA VAL B 228 -7.40 -7.67 22.93
C VAL B 228 -7.38 -8.92 23.79
N ALA B 229 -6.23 -9.57 23.91
CA ALA B 229 -6.15 -10.77 24.73
C ALA B 229 -6.48 -10.43 26.18
N ALA B 230 -5.93 -9.33 26.67
CA ALA B 230 -6.22 -8.89 28.04
C ALA B 230 -7.70 -8.61 28.25
N TYR B 231 -8.32 -7.98 27.27
CA TYR B 231 -9.75 -7.67 27.33
C TYR B 231 -10.57 -8.95 27.41
N LEU B 232 -10.26 -9.90 26.53
CA LEU B 232 -11.02 -11.13 26.49
C LEU B 232 -10.92 -11.87 27.83
N VAL B 233 -9.73 -11.88 28.41
CA VAL B 233 -9.53 -12.54 29.71
C VAL B 233 -10.28 -11.78 30.81
N GLU B 234 -10.23 -10.45 30.78
CA GLU B 234 -10.87 -9.60 31.78
C GLU B 234 -12.37 -9.84 31.85
N TYR B 235 -12.98 -10.06 30.69
CA TYR B 235 -14.43 -10.18 30.57
C TYR B 235 -14.90 -11.64 30.49
N GLY B 236 -13.99 -12.55 30.80
CA GLY B 236 -14.32 -13.97 30.92
C GLY B 236 -14.60 -14.71 29.63
N LEU B 237 -14.10 -14.18 28.52
CA LEU B 237 -14.27 -14.77 27.22
C LEU B 237 -13.10 -15.68 26.86
N ALA B 238 -12.00 -15.56 27.60
CA ALA B 238 -10.86 -16.48 27.49
C ALA B 238 -10.29 -16.65 28.89
N ALA B 239 -9.52 -17.70 29.10
CA ALA B 239 -9.02 -17.98 30.44
C ALA B 239 -7.60 -17.46 30.61
N ARG B 240 -7.36 -16.87 31.77
CA ARG B 240 -6.03 -16.41 32.13
C ARG B 240 -5.09 -17.61 32.20
N GLY B 241 -3.92 -17.45 31.61
CA GLY B 241 -2.91 -18.47 31.61
C GLY B 241 -2.90 -19.38 30.37
N GLU B 242 -4.02 -19.51 29.67
CA GLU B 242 -4.13 -20.43 28.53
C GLU B 242 -3.81 -19.71 27.24
N PRO B 243 -2.85 -20.18 26.47
CA PRO B 243 -2.63 -19.58 25.15
C PRO B 243 -3.83 -19.73 24.25
N PHE B 244 -4.08 -18.73 23.43
CA PHE B 244 -5.13 -18.82 22.44
C PHE B 244 -4.74 -18.03 21.19
N VAL B 245 -5.64 -17.94 20.23
CA VAL B 245 -5.35 -17.39 18.92
C VAL B 245 -6.33 -16.29 18.55
N LEU B 246 -5.80 -15.18 18.02
CA LEU B 246 -6.61 -14.13 17.39
C LEU B 246 -6.39 -14.18 15.89
N HIS B 247 -7.37 -13.67 15.14
CA HIS B 247 -7.37 -13.70 13.68
C HIS B 247 -7.48 -12.28 13.16
N GLN B 248 -6.69 -11.97 12.13
CA GLN B 248 -6.78 -10.68 11.45
C GLN B 248 -6.23 -10.84 10.04
N GLY B 249 -6.71 -10.03 9.11
CA GLY B 249 -6.14 -10.00 7.77
C GLY B 249 -7.00 -10.59 6.67
N ARG B 250 -8.08 -11.27 7.03
CA ARG B 250 -8.93 -11.91 6.03
C ARG B 250 -9.45 -10.92 4.99
N PHE B 251 -9.75 -9.70 5.41
CA PHE B 251 -10.32 -8.69 4.53
C PHE B 251 -9.33 -8.10 3.51
N LEU B 252 -8.05 -8.42 3.68
CA LEU B 252 -7.01 -8.10 2.71
C LEU B 252 -6.48 -9.34 2.01
N GLU B 253 -7.20 -10.45 2.13
CA GLU B 253 -6.78 -11.73 1.58
C GLU B 253 -5.41 -12.15 2.11
N ARG B 254 -5.14 -11.78 3.35
CA ARG B 254 -3.89 -12.11 4.02
C ARG B 254 -4.15 -12.59 5.45
N PRO B 255 -4.80 -13.73 5.57
CA PRO B 255 -5.15 -14.25 6.89
C PRO B 255 -3.90 -14.45 7.75
N SER B 256 -4.02 -14.06 9.02
CA SER B 256 -2.95 -14.06 9.99
C SER B 256 -3.40 -14.76 11.25
N ARG B 257 -2.47 -15.44 11.90
CA ARG B 257 -2.68 -16.12 13.17
C ARG B 257 -1.82 -15.42 14.21
N LEU B 258 -2.43 -14.82 15.21
CA LEU B 258 -1.72 -14.15 16.29
C LEU B 258 -1.87 -14.94 17.59
N ASP B 259 -0.79 -15.55 18.07
CA ASP B 259 -0.81 -16.28 19.32
C ASP B 259 -0.71 -15.30 20.47
N VAL B 260 -1.57 -15.49 21.46
CA VAL B 260 -1.60 -14.65 22.64
C VAL B 260 -1.75 -15.47 23.93
N GLN B 261 -1.22 -14.93 25.01
CA GLN B 261 -1.42 -15.50 26.34
C GLN B 261 -1.36 -14.39 27.37
N VAL B 262 -2.36 -14.31 28.24
CA VAL B 262 -2.30 -13.45 29.41
C VAL B 262 -1.81 -14.37 30.51
N ALA B 263 -0.53 -14.32 30.83
CA ALA B 263 0.00 -15.23 31.83
C ALA B 263 -0.59 -14.90 33.20
N THR B 264 -0.65 -15.91 34.09
CA THR B 264 -1.23 -15.66 35.40
C THR B 264 -0.39 -14.72 36.24
N ASP B 265 0.89 -14.60 35.91
CA ASP B 265 1.73 -13.61 36.60
C ASP B 265 1.65 -12.20 35.99
N GLY B 266 0.74 -11.98 35.04
CA GLY B 266 0.36 -10.66 34.59
C GLY B 266 0.76 -10.26 33.17
N SER B 267 1.88 -10.82 32.70
CA SER B 267 2.52 -10.50 31.42
C SER B 267 1.65 -10.94 30.26
N VAL B 268 1.43 -10.07 29.28
CA VAL B 268 0.75 -10.47 28.06
C VAL B 268 1.78 -10.73 26.97
N ARG B 269 1.76 -11.94 26.44
CA ARG B 269 2.66 -12.40 25.42
C ARG B 269 1.93 -12.46 24.09
N VAL B 270 2.63 -12.03 23.04
CA VAL B 270 2.11 -12.04 21.69
C VAL B 270 3.18 -12.64 20.78
N GLY B 271 2.81 -13.60 19.96
CA GLY B 271 3.77 -14.27 19.10
C GLY B 271 3.17 -14.80 17.82
N GLY B 272 4.03 -15.31 16.97
CA GLY B 272 3.58 -15.95 15.74
C GLY B 272 4.71 -16.38 14.86
N HIS B 273 4.36 -17.05 13.78
CA HIS B 273 5.34 -17.39 12.76
C HIS B 273 5.72 -16.18 11.96
N VAL B 274 6.97 -16.14 11.53
CA VAL B 274 7.54 -15.06 10.71
C VAL B 274 8.22 -15.70 9.51
N GLN B 275 7.90 -15.22 8.32
CA GLN B 275 8.52 -15.70 7.09
C GLN B 275 9.50 -14.66 6.58
N LEU B 276 10.57 -15.13 5.97
CA LEU B 276 11.61 -14.27 5.41
C LEU B 276 11.54 -14.39 3.88
N LEU B 277 11.18 -13.31 3.21
CA LEU B 277 10.86 -13.38 1.79
C LEU B 277 11.94 -12.85 0.86
N ALA B 278 12.65 -11.80 1.24
CA ALA B 278 13.59 -11.17 0.32
C ALA B 278 14.66 -10.38 1.02
N ARG B 279 15.84 -10.34 0.40
CA ARG B 279 16.96 -9.49 0.80
C ARG B 279 17.15 -8.44 -0.26
N ALA B 280 17.03 -7.18 0.13
CA ALA B 280 17.09 -6.05 -0.80
C ALA B 280 18.33 -5.20 -0.58
N GLU B 281 19.01 -4.87 -1.67
CA GLU B 281 20.18 -4.01 -1.62
C GLU B 281 19.83 -2.68 -2.27
N LEU B 282 20.08 -1.57 -1.59
CA LEU B 282 19.82 -0.26 -2.15
C LEU B 282 20.81 0.06 -3.28
N LEU B 283 20.27 0.69 -4.32
CA LEU B 283 21.01 1.10 -5.51
C LEU B 283 21.14 2.63 -5.57
N THR B 284 20.72 3.32 -4.51
CA THR B 284 20.88 4.77 -4.40
C THR B 284 21.20 5.17 -2.96
N SER B 285 21.91 6.27 -2.81
CA SER B 285 22.25 6.84 -1.51
C SER B 285 21.46 8.13 -1.28
#